data_8HXV
#
_entry.id   8HXV
#
_cell.length_a   45.780
_cell.length_b   90.356
_cell.length_c   126.140
_cell.angle_alpha   90.00
_cell.angle_beta   90.00
_cell.angle_gamma   90.00
#
_symmetry.space_group_name_H-M   'P 21 21 21'
#
loop_
_entity.id
_entity.type
_entity.pdbx_description
1 polymer 'Beta-lactamase class B VIM-2'
2 non-polymer 'ZINC ION'
3 non-polymer '2-azanyl-5-hexyl-1,3-thiazole-4-carboxylic acid'
4 water water
#
_entity_poly.entity_id   1
_entity_poly.type   'polypeptide(L)'
_entity_poly.pdbx_seq_one_letter_code
;EYPTVSEIPVGEVRLYQIADGVWSHIATQSFDGAVYPSNGLIVRDGDELLLIDTAWGAKNTAALLAEIEKQIGLPVTRAV
STHFHDDRVGGVDVLRAAGVATYASPSTRRLAEVEGNEIPTHSLEGLSSSGDAVRFGPVELFYPGAAHSTDNLVVYVPSA
SVLYGGCAIYELSRTSAGNVADADLAEWPTSIERIQQHYPEAQFVIPGHGLPGGLDLLKHTTNVVKAHTNR
;
_entity_poly.pdbx_strand_id   A,B
#
loop_
_chem_comp.id
_chem_comp.type
_chem_comp.name
_chem_comp.formula
5ZD non-polymer '2-azanyl-5-hexyl-1,3-thiazole-4-carboxylic acid' 'C10 H16 N2 O2 S'
ZN non-polymer 'ZINC ION' 'Zn 2'
#
# COMPACT_ATOMS: atom_id res chain seq x y z
N GLU A 1 -1.35 26.55 5.25
CA GLU A 1 -1.35 27.19 6.57
C GLU A 1 -0.73 26.30 7.60
N TYR A 2 0.04 26.89 8.49
CA TYR A 2 0.76 26.13 9.48
C TYR A 2 -0.22 25.63 10.55
N PRO A 3 -0.10 24.40 10.99
CA PRO A 3 -1.08 23.88 11.95
C PRO A 3 -0.85 24.41 13.36
N THR A 4 -1.97 24.73 14.01
CA THR A 4 -1.95 25.34 15.33
C THR A 4 -2.38 24.31 16.33
N VAL A 5 -2.26 24.65 17.62
CA VAL A 5 -2.45 23.66 18.67
C VAL A 5 -3.86 23.10 18.67
N SER A 6 -4.85 23.94 18.47
CA SER A 6 -6.24 23.51 18.53
C SER A 6 -6.63 22.62 17.38
N GLU A 7 -5.79 22.52 16.35
CA GLU A 7 -6.12 21.66 15.22
C GLU A 7 -5.47 20.29 15.29
N ILE A 8 -4.65 20.00 16.30
CA ILE A 8 -3.97 18.73 16.41
C ILE A 8 -4.41 18.05 17.70
N PRO A 9 -5.29 17.07 17.62
CA PRO A 9 -5.66 16.35 18.84
C PRO A 9 -4.44 15.65 19.39
N VAL A 10 -4.43 15.40 20.70
CA VAL A 10 -3.22 14.82 21.27
C VAL A 10 -3.13 13.37 20.86
N GLY A 11 -1.99 12.98 20.29
CA GLY A 11 -1.75 11.67 19.70
C GLY A 11 -1.70 11.67 18.18
N GLU A 12 -1.96 12.79 17.54
CA GLU A 12 -1.81 12.96 16.12
C GLU A 12 -0.58 13.83 15.88
N VAL A 13 -0.01 13.72 14.68
CA VAL A 13 1.15 14.49 14.28
C VAL A 13 0.98 15.00 12.87
N ARG A 14 1.36 16.23 12.65
CA ARG A 14 1.31 16.82 11.33
C ARG A 14 2.71 17.05 10.80
N LEU A 15 2.85 16.97 9.49
CA LEU A 15 4.09 17.26 8.80
C LEU A 15 3.90 18.47 7.92
N TYR A 16 4.82 19.42 7.99
CA TYR A 16 4.70 20.64 7.23
C TYR A 16 5.95 20.82 6.40
N GLN A 17 5.78 20.96 5.11
CA GLN A 17 6.89 21.16 4.19
C GLN A 17 7.42 22.57 4.27
N ILE A 18 8.69 22.70 4.66
CA ILE A 18 9.34 23.99 4.76
C ILE A 18 10.17 24.31 3.53
N ALA A 19 10.79 23.31 2.92
CA ALA A 19 11.66 23.51 1.79
C ALA A 19 11.87 22.14 1.16
N ASP A 20 12.44 22.13 -0.04
CA ASP A 20 12.68 20.85 -0.67
C ASP A 20 13.45 19.97 0.28
N GLY A 21 12.90 18.81 0.58
CA GLY A 21 13.52 17.86 1.47
C GLY A 21 13.71 18.35 2.90
N VAL A 22 12.91 19.31 3.35
CA VAL A 22 12.92 19.74 4.75
C VAL A 22 11.50 19.99 5.18
N TRP A 23 11.07 19.27 6.20
CA TRP A 23 9.76 19.35 6.83
C TRP A 23 9.90 19.72 8.30
N SER A 24 8.89 20.32 8.89
CA SER A 24 8.80 20.28 10.33
C SER A 24 7.68 19.31 10.73
N HIS A 25 7.72 18.86 11.98
CA HIS A 25 6.63 18.04 12.52
C HIS A 25 6.03 18.70 13.75
N ILE A 26 4.72 18.59 13.91
CA ILE A 26 3.99 19.30 14.95
C ILE A 26 3.13 18.32 15.75
N ALA A 27 3.23 18.40 17.08
CA ALA A 27 2.41 17.56 17.95
C ALA A 27 1.88 18.40 19.11
N THR A 28 1.09 17.76 19.97
CA THR A 28 0.46 18.42 21.10
C THR A 28 0.52 17.50 22.31
N GLN A 29 0.63 18.10 23.48
CA GLN A 29 0.83 17.36 24.72
C GLN A 29 0.46 18.24 25.89
N SER A 30 0.03 17.61 26.97
CA SER A 30 -0.35 18.39 28.14
C SER A 30 0.87 18.66 28.98
N PHE A 31 0.97 19.89 29.46
CA PHE A 31 1.94 20.26 30.47
C PHE A 31 1.24 21.19 31.46
N ASP A 32 1.01 20.68 32.66
CA ASP A 32 0.43 21.47 33.74
C ASP A 32 -1.03 21.86 33.49
N GLY A 33 -1.84 20.92 33.03
CA GLY A 33 -3.23 21.23 32.83
C GLY A 33 -3.59 22.06 31.62
N ALA A 34 -2.63 22.39 30.76
CA ALA A 34 -2.89 22.98 29.45
C ALA A 34 -2.26 22.07 28.40
N VAL A 35 -2.64 22.26 27.14
CA VAL A 35 -2.03 21.58 26.01
C VAL A 35 -1.28 22.58 25.14
N TYR A 36 -0.08 22.19 24.70
CA TYR A 36 0.76 23.07 23.91
C TYR A 36 1.19 22.38 22.63
N PRO A 37 1.50 23.14 21.59
CA PRO A 37 2.10 22.54 20.41
C PRO A 37 3.61 22.49 20.53
N SER A 38 4.18 21.51 19.86
CA SER A 38 5.63 21.35 19.81
C SER A 38 6.05 21.06 18.38
N ASN A 39 7.14 21.69 17.94
CA ASN A 39 7.77 21.44 16.64
C ASN A 39 9.04 20.58 16.74
N GLY A 40 9.33 19.87 15.65
CA GLY A 40 10.64 19.31 15.42
C GLY A 40 10.99 19.37 13.94
N LEU A 41 12.10 18.75 13.50
CA LEU A 41 12.51 18.86 12.12
C LEU A 41 12.75 17.51 11.49
N ILE A 42 12.64 17.49 10.15
CA ILE A 42 12.96 16.34 9.35
C ILE A 42 13.74 16.80 8.13
N VAL A 43 14.87 16.15 7.89
CA VAL A 43 15.77 16.47 6.80
C VAL A 43 16.09 15.21 6.03
N ARG A 44 15.85 15.23 4.73
CA ARG A 44 16.35 14.16 3.88
C ARG A 44 17.87 14.03 4.05
N ASP A 45 18.32 12.79 4.20
CA ASP A 45 19.72 12.44 4.39
C ASP A 45 20.09 11.43 3.31
N GLY A 46 20.17 11.93 2.08
CA GLY A 46 20.32 11.05 0.94
C GLY A 46 19.07 10.22 0.76
N ASP A 47 19.19 8.91 0.89
CA ASP A 47 18.03 8.04 0.82
C ASP A 47 17.39 7.83 2.18
N GLU A 48 17.82 8.53 3.21
CA GLU A 48 17.32 8.33 4.55
C GLU A 48 16.80 9.67 5.05
N LEU A 49 16.31 9.68 6.29
CA LEU A 49 15.80 10.87 6.95
C LEU A 49 16.49 11.01 8.29
N LEU A 50 16.87 12.23 8.60
CA LEU A 50 17.41 12.61 9.89
C LEU A 50 16.29 13.25 10.65
N LEU A 51 16.05 12.78 11.87
CA LEU A 51 15.01 13.33 12.73
C LEU A 51 15.63 14.22 13.80
N ILE A 52 15.04 15.38 13.98
CA ILE A 52 15.47 16.32 14.99
C ILE A 52 14.37 16.37 16.03
N ASP A 53 14.64 15.76 17.18
CA ASP A 53 13.75 15.79 18.33
C ASP A 53 12.55 14.87 18.14
N THR A 54 11.96 14.44 19.26
CA THR A 54 10.81 13.55 19.23
C THR A 54 9.53 14.34 19.07
N ALA A 55 8.40 13.65 18.96
CA ALA A 55 7.10 14.31 18.92
C ALA A 55 6.50 14.51 20.31
N TRP A 56 7.34 14.60 21.35
CA TRP A 56 6.96 14.85 22.74
C TRP A 56 6.05 13.75 23.31
N GLY A 57 6.61 12.55 23.38
CA GLY A 57 5.90 11.43 23.99
C GLY A 57 5.98 10.19 23.16
N ALA A 58 5.79 9.03 23.79
CA ALA A 58 5.88 7.76 23.07
C ALA A 58 4.77 7.59 22.06
N LYS A 59 3.54 7.94 22.42
CA LYS A 59 2.42 7.79 21.51
C LYS A 59 2.47 8.81 20.39
N ASN A 60 2.73 10.06 20.71
CA ASN A 60 2.99 11.04 19.67
C ASN A 60 4.14 10.61 18.76
N THR A 61 5.23 10.07 19.34
CA THR A 61 6.40 9.69 18.55
C THR A 61 6.10 8.49 17.65
N ALA A 62 5.31 7.54 18.13
CA ALA A 62 4.83 6.48 17.27
C ALA A 62 4.03 7.01 16.10
N ALA A 63 3.25 8.06 16.33
CA ALA A 63 2.43 8.59 15.26
C ALA A 63 3.26 9.34 14.27
N LEU A 64 4.32 9.98 14.77
CA LEU A 64 5.30 10.63 13.92
C LEU A 64 5.87 9.66 12.88
N LEU A 65 6.43 8.56 13.33
CA LEU A 65 6.94 7.59 12.38
C LEU A 65 5.88 7.14 11.39
N ALA A 66 4.64 7.00 11.82
CA ALA A 66 3.62 6.52 10.90
C ALA A 66 3.27 7.56 9.87
N GLU A 67 3.21 8.83 10.27
CA GLU A 67 3.05 9.91 9.30
C GLU A 67 4.21 9.95 8.32
N ILE A 68 5.43 9.86 8.82
CA ILE A 68 6.58 9.90 7.95
C ILE A 68 6.48 8.81 6.88
N GLU A 69 6.08 7.60 7.26
CA GLU A 69 6.03 6.52 6.30
C GLU A 69 4.90 6.73 5.32
N LYS A 70 3.80 7.32 5.76
CA LYS A 70 2.71 7.60 4.86
C LYS A 70 3.08 8.74 3.90
N GLN A 71 3.66 9.81 4.41
CA GLN A 71 3.83 11.01 3.62
C GLN A 71 5.14 11.11 2.89
N ILE A 72 6.21 10.45 3.35
CA ILE A 72 7.53 10.63 2.77
C ILE A 72 8.10 9.32 2.26
N GLY A 73 8.09 8.29 3.10
CA GLY A 73 8.38 6.96 2.66
C GLY A 73 9.83 6.57 2.69
N LEU A 74 10.63 7.32 3.30
CA LEU A 74 12.01 6.97 3.46
C LEU A 74 12.23 6.70 4.94
N PRO A 75 13.14 5.81 5.28
CA PRO A 75 13.30 5.43 6.69
C PRO A 75 13.92 6.52 7.51
N VAL A 76 13.47 6.67 8.73
CA VAL A 76 14.22 7.48 9.68
C VAL A 76 15.33 6.60 10.24
N THR A 77 16.59 6.98 10.01
CA THR A 77 17.74 6.22 10.49
C THR A 77 18.50 6.89 11.62
N ARG A 78 18.48 8.20 11.74
CA ARG A 78 19.07 8.83 12.91
C ARG A 78 18.14 9.86 13.52
N ALA A 79 18.39 10.17 14.78
CA ALA A 79 17.66 11.19 15.50
C ALA A 79 18.61 11.96 16.40
N VAL A 80 18.40 13.26 16.49
CA VAL A 80 19.14 14.14 17.38
C VAL A 80 18.14 14.84 18.28
N SER A 81 18.34 14.74 19.58
CA SER A 81 17.58 15.51 20.56
C SER A 81 18.39 16.73 20.94
N THR A 82 17.72 17.87 21.08
CA THR A 82 18.40 19.14 21.22
C THR A 82 18.45 19.66 22.66
N HIS A 83 17.70 19.06 23.56
CA HIS A 83 17.99 19.22 24.98
C HIS A 83 17.26 18.08 25.66
N PHE A 84 17.48 17.97 26.97
CA PHE A 84 16.82 16.99 27.81
C PHE A 84 15.51 17.60 28.25
N HIS A 85 14.42 16.85 28.14
CA HIS A 85 13.10 17.38 28.48
C HIS A 85 12.16 16.48 27.71
N ASP A 86 11.07 16.06 28.34
CA ASP A 86 10.16 15.12 27.72
C ASP A 86 9.79 15.51 26.29
N ASP A 87 9.84 16.79 25.93
CA ASP A 87 9.39 17.19 24.59
C ASP A 87 10.46 17.06 23.54
N ARG A 88 11.68 16.74 23.93
CA ARG A 88 12.76 16.47 23.01
C ARG A 88 13.26 15.03 23.06
N VAL A 89 13.23 14.38 24.22
CA VAL A 89 13.66 13.00 24.36
C VAL A 89 12.54 12.05 24.69
N GLY A 90 11.36 12.54 25.06
CA GLY A 90 10.22 11.67 25.21
C GLY A 90 9.80 11.00 23.92
N GLY A 91 9.98 9.70 23.83
CA GLY A 91 9.78 8.96 22.60
C GLY A 91 11.03 8.28 22.07
N VAL A 92 12.20 8.58 22.66
CA VAL A 92 13.45 7.98 22.24
C VAL A 92 13.37 6.45 22.30
N ASP A 93 12.73 5.90 23.33
CA ASP A 93 12.64 4.45 23.38
C ASP A 93 11.76 3.90 22.27
N VAL A 94 10.70 4.58 21.90
CA VAL A 94 9.97 4.17 20.70
C VAL A 94 10.89 4.21 19.48
N LEU A 95 11.52 5.35 19.20
CA LEU A 95 12.43 5.42 18.06
C LEU A 95 13.41 4.25 18.04
N ARG A 96 14.11 4.03 19.15
CA ARG A 96 15.05 2.93 19.24
C ARG A 96 14.41 1.60 18.85
N ALA A 97 13.22 1.32 19.35
CA ALA A 97 12.56 0.06 19.03
C ALA A 97 12.19 -0.06 17.56
N ALA A 98 12.04 1.08 16.86
CA ALA A 98 11.77 1.07 15.44
C ALA A 98 13.04 0.90 14.61
N GLY A 99 14.19 1.12 15.23
CA GLY A 99 15.45 0.98 14.56
C GLY A 99 16.19 2.25 14.37
N VAL A 100 15.85 3.29 15.08
CA VAL A 100 16.45 4.60 14.88
C VAL A 100 17.61 4.73 15.82
N ALA A 101 18.75 5.13 15.31
CA ALA A 101 19.89 5.41 16.16
C ALA A 101 19.73 6.81 16.72
N THR A 102 19.68 6.94 18.04
CA THR A 102 19.36 8.20 18.67
C THR A 102 20.63 8.86 19.21
N TYR A 103 20.67 10.19 19.14
CA TYR A 103 21.88 10.94 19.46
C TYR A 103 21.54 12.16 20.29
N ALA A 104 22.46 12.52 21.19
CA ALA A 104 22.40 13.77 21.91
C ALA A 104 23.79 14.14 22.38
N SER A 105 23.93 15.40 22.76
CA SER A 105 25.17 15.80 23.39
C SER A 105 25.32 15.05 24.71
N PRO A 106 26.54 14.77 25.15
CA PRO A 106 26.71 14.17 26.47
C PRO A 106 26.18 15.03 27.61
N SER A 107 26.15 16.36 27.49
CA SER A 107 25.48 17.13 28.53
C SER A 107 24.00 16.82 28.53
N THR A 108 23.42 16.64 27.35
CA THR A 108 22.00 16.35 27.28
C THR A 108 21.70 14.98 27.88
N ARG A 109 22.50 13.97 27.54
CA ARG A 109 22.30 12.65 28.11
C ARG A 109 22.41 12.70 29.62
N ARG A 110 23.42 13.38 30.14
CA ARG A 110 23.62 13.46 31.58
C ARG A 110 22.36 13.98 32.26
N LEU A 111 21.79 15.06 31.73
CA LEU A 111 20.63 15.70 32.35
C LEU A 111 19.36 14.87 32.20
N ALA A 112 19.20 14.14 31.10
CA ALA A 112 18.01 13.31 30.99
C ALA A 112 18.01 12.24 32.05
N GLU A 113 19.20 11.74 32.37
CA GLU A 113 19.35 10.71 33.38
C GLU A 113 18.97 11.22 34.75
N VAL A 114 19.48 12.39 35.12
CA VAL A 114 19.21 13.03 36.40
C VAL A 114 17.73 13.29 36.60
N GLU A 115 17.00 13.49 35.53
CA GLU A 115 15.65 13.97 35.58
C GLU A 115 14.66 12.87 35.35
N GLY A 116 15.13 11.65 35.07
CA GLY A 116 14.26 10.53 34.79
C GLY A 116 13.78 10.39 33.37
N ASN A 117 14.32 11.14 32.43
CA ASN A 117 13.78 11.04 31.08
C ASN A 117 14.51 9.97 30.30
N GLU A 118 13.97 9.68 29.13
CA GLU A 118 14.63 8.76 28.25
C GLU A 118 15.94 9.36 27.78
N ILE A 119 16.91 8.49 27.54
CA ILE A 119 18.28 8.87 27.24
C ILE A 119 18.63 8.34 25.86
N PRO A 120 19.03 9.19 24.92
CA PRO A 120 19.49 8.70 23.61
C PRO A 120 20.75 7.85 23.73
N THR A 121 20.89 6.90 22.80
CA THR A 121 21.98 5.92 22.87
C THR A 121 23.37 6.55 22.76
N HIS A 122 23.56 7.43 21.80
CA HIS A 122 24.88 7.80 21.35
C HIS A 122 25.19 9.22 21.74
N SER A 123 26.43 9.46 22.11
CA SER A 123 26.83 10.79 22.55
C SER A 123 27.41 11.54 21.37
N LEU A 124 26.97 12.78 21.18
CA LEU A 124 27.51 13.61 20.13
C LEU A 124 28.77 14.28 20.64
N GLU A 125 29.88 14.03 19.97
CA GLU A 125 31.11 14.69 20.31
C GLU A 125 31.24 16.00 19.55
N GLY A 126 31.95 16.94 20.13
CA GLY A 126 32.32 18.15 19.44
C GLY A 126 31.43 19.33 19.74
N LEU A 127 30.68 19.30 20.82
CA LEU A 127 29.71 20.33 21.09
C LEU A 127 29.81 20.75 22.55
N SER A 128 31.01 20.72 23.11
CA SER A 128 31.21 20.94 24.54
C SER A 128 31.06 22.41 24.90
N SER A 129 31.59 23.31 24.08
CA SER A 129 31.57 24.73 24.41
C SER A 129 30.87 25.58 23.36
N SER A 130 30.38 26.72 23.82
CA SER A 130 29.69 27.69 22.97
C SER A 130 30.50 28.03 21.74
N GLY A 131 29.82 28.15 20.61
CA GLY A 131 30.46 28.32 19.34
C GLY A 131 30.71 27.04 18.58
N ASP A 132 30.63 25.88 19.23
CA ASP A 132 31.04 24.65 18.58
C ASP A 132 30.03 24.24 17.53
N ALA A 133 30.51 23.78 16.41
CA ALA A 133 29.63 23.25 15.39
C ALA A 133 30.15 21.89 14.98
N VAL A 134 29.25 21.04 14.52
CA VAL A 134 29.66 19.75 13.99
C VAL A 134 28.68 19.42 12.87
N ARG A 135 29.20 18.78 11.85
CA ARG A 135 28.38 18.39 10.72
C ARG A 135 27.74 17.07 11.08
N PHE A 136 26.47 16.92 10.74
CA PHE A 136 25.75 15.69 11.03
C PHE A 136 24.86 15.40 9.82
N GLY A 137 25.35 14.54 8.93
CA GLY A 137 24.68 14.31 7.68
C GLY A 137 24.33 15.61 6.98
N PRO A 138 23.05 15.88 6.75
CA PRO A 138 22.68 17.05 5.94
C PRO A 138 22.54 18.35 6.70
N VAL A 139 23.00 18.42 7.94
CA VAL A 139 22.74 19.57 8.79
C VAL A 139 24.00 19.87 9.58
N GLU A 140 24.05 21.06 10.11
CA GLU A 140 25.09 21.42 11.04
C GLU A 140 24.43 21.62 12.39
N LEU A 141 24.92 20.90 13.41
CA LEU A 141 24.59 21.17 14.79
C LEU A 141 25.49 22.26 15.34
N PHE A 142 24.97 22.99 16.30
CA PHE A 142 25.64 24.19 16.79
C PHE A 142 25.17 24.41 18.21
N TYR A 143 26.11 24.47 19.14
CA TYR A 143 25.80 24.75 20.54
C TYR A 143 26.10 26.21 20.83
N PRO A 144 25.12 27.07 21.02
CA PRO A 144 25.36 28.49 21.28
C PRO A 144 25.49 28.89 22.74
N GLY A 145 25.47 27.98 23.68
CA GLY A 145 25.48 28.35 25.08
C GLY A 145 24.10 28.27 25.68
N ALA A 146 24.06 28.45 27.00
CA ALA A 146 22.81 28.30 27.71
C ALA A 146 21.80 29.32 27.23
N ALA A 147 20.54 29.04 27.53
CA ALA A 147 19.42 29.76 26.96
C ALA A 147 18.18 29.18 27.58
N HIS A 148 17.38 28.46 26.80
CA HIS A 148 16.24 27.75 27.38
C HIS A 148 16.73 26.71 28.40
N SER A 149 17.73 25.93 28.04
CA SER A 149 18.44 25.06 28.97
C SER A 149 19.93 25.22 28.70
N THR A 150 20.77 24.53 29.48
CA THR A 150 22.20 24.75 29.32
C THR A 150 22.78 23.88 28.23
N ASP A 151 22.08 22.84 27.81
CA ASP A 151 22.64 21.90 26.85
C ASP A 151 22.10 22.08 25.44
N ASN A 152 21.37 23.16 25.18
CA ASN A 152 20.41 23.16 24.08
C ASN A 152 21.05 23.54 22.75
N LEU A 153 20.81 22.72 21.76
CA LEU A 153 21.36 22.87 20.43
C LEU A 153 20.35 23.55 19.50
N VAL A 154 20.88 24.17 18.45
CA VAL A 154 20.07 24.52 17.29
C VAL A 154 20.61 23.75 16.09
N VAL A 155 19.82 23.70 15.04
CA VAL A 155 20.17 22.96 13.84
C VAL A 155 19.95 23.84 12.64
N TYR A 156 20.93 23.90 11.77
CA TYR A 156 20.80 24.63 10.51
C TYR A 156 20.87 23.66 9.36
N VAL A 157 20.01 23.86 8.37
CA VAL A 157 20.02 23.04 7.16
C VAL A 157 20.58 23.92 6.04
N PRO A 158 21.81 23.68 5.58
CA PRO A 158 22.44 24.63 4.67
C PRO A 158 21.84 24.62 3.29
N SER A 159 21.39 23.48 2.77
CA SER A 159 20.81 23.43 1.43
C SER A 159 19.64 24.37 1.28
N ALA A 160 19.05 24.79 2.38
CA ALA A 160 17.78 25.47 2.36
C ALA A 160 17.72 26.62 3.34
N SER A 161 18.81 26.91 4.03
CA SER A 161 18.88 28.06 4.89
C SER A 161 17.74 28.03 5.89
N VAL A 162 17.45 26.84 6.38
CA VAL A 162 16.49 26.66 7.47
C VAL A 162 17.27 26.60 8.78
N LEU A 163 16.82 27.37 9.77
CA LEU A 163 17.42 27.38 11.10
C LEU A 163 16.39 26.90 12.11
N TYR A 164 16.64 25.74 12.72
CA TYR A 164 15.76 25.21 13.73
C TYR A 164 16.30 25.64 15.08
N GLY A 165 15.51 26.43 15.82
CA GLY A 165 15.96 27.05 17.04
C GLY A 165 15.66 26.30 18.31
N GLY A 166 14.80 25.29 18.23
CA GLY A 166 14.43 24.57 19.41
C GLY A 166 13.88 25.54 20.41
N CYS A 167 13.71 25.06 21.65
CA CYS A 167 13.00 25.88 22.63
C CYS A 167 13.72 27.17 23.01
N ALA A 168 14.88 27.44 22.45
CA ALA A 168 15.62 28.65 22.74
C ALA A 168 15.08 29.84 22.01
N ILE A 169 14.12 29.63 21.11
CA ILE A 169 13.59 30.67 20.26
C ILE A 169 12.08 30.59 20.35
N TYR A 170 11.48 31.75 20.51
CA TYR A 170 10.04 31.85 20.68
C TYR A 170 9.41 32.31 19.38
N GLU A 171 8.11 32.07 19.28
CA GLU A 171 7.31 32.66 18.22
C GLU A 171 6.82 34.03 18.67
N LEU A 172 6.68 34.94 17.70
CA LEU A 172 6.16 36.29 18.02
C LEU A 172 4.91 36.22 18.90
N SER A 173 3.94 35.39 18.55
CA SER A 173 2.77 35.26 19.40
C SER A 173 3.19 35.32 20.86
N ARG A 174 4.27 34.64 21.20
CA ARG A 174 4.66 34.44 22.59
C ARG A 174 5.29 35.71 23.13
N THR A 175 4.73 36.21 24.23
CA THR A 175 5.21 37.40 24.91
C THR A 175 5.60 37.14 26.35
N SER A 176 5.40 35.93 26.85
CA SER A 176 5.87 35.54 28.18
C SER A 176 6.86 34.41 28.05
N ALA A 177 7.78 34.37 29.00
CA ALA A 177 8.81 33.35 28.99
C ALA A 177 8.29 31.99 29.44
N GLY A 178 7.12 31.94 30.08
CA GLY A 178 6.59 30.65 30.47
C GLY A 178 7.46 30.00 31.53
N ASN A 179 7.71 28.70 31.38
CA ASN A 179 8.45 27.95 32.39
C ASN A 179 9.92 27.93 32.02
N VAL A 180 10.74 28.52 32.89
CA VAL A 180 12.15 28.75 32.59
C VAL A 180 12.98 28.18 33.72
N ALA A 181 12.46 27.14 34.37
CA ALA A 181 13.14 26.59 35.53
C ALA A 181 14.60 26.33 35.22
N ASP A 182 14.86 25.52 34.21
CA ASP A 182 16.20 25.08 33.88
C ASP A 182 16.94 26.07 32.99
N ALA A 183 16.65 27.35 33.06
CA ALA A 183 17.13 28.33 32.09
C ALA A 183 18.19 29.25 32.67
N ASP A 184 18.97 29.83 31.76
CA ASP A 184 20.02 30.79 32.10
C ASP A 184 19.60 32.11 31.47
N LEU A 185 18.77 32.86 32.18
CA LEU A 185 18.27 34.11 31.63
C LEU A 185 19.38 35.11 31.44
N ALA A 186 20.54 34.87 32.05
CA ALA A 186 21.66 35.78 31.92
C ALA A 186 22.42 35.51 30.64
N GLU A 187 22.74 34.24 30.37
CA GLU A 187 23.42 33.93 29.13
C GLU A 187 22.48 33.84 27.93
N TRP A 188 21.17 33.71 28.15
CA TRP A 188 20.28 33.47 27.03
C TRP A 188 20.42 34.53 25.94
N PRO A 189 20.23 35.82 26.22
CA PRO A 189 20.44 36.81 25.14
C PRO A 189 21.78 36.67 24.48
N THR A 190 22.82 36.22 25.19
CA THR A 190 24.06 35.91 24.52
C THR A 190 23.84 34.96 23.38
N SER A 191 23.33 33.79 23.75
CA SER A 191 23.45 32.66 22.87
C SER A 191 22.66 32.91 21.61
N ILE A 192 21.59 33.71 21.70
CA ILE A 192 20.93 34.22 20.51
C ILE A 192 21.92 35.00 19.65
N GLU A 193 22.66 35.91 20.26
CA GLU A 193 23.63 36.69 19.51
C GLU A 193 24.60 35.77 18.81
N ARG A 194 25.13 34.76 19.50
CA ARG A 194 26.02 33.80 18.86
C ARG A 194 25.33 33.14 17.68
N ILE A 195 24.01 32.95 17.77
CA ILE A 195 23.25 32.35 16.68
C ILE A 195 23.17 33.29 15.49
N GLN A 196 22.77 34.53 15.76
CA GLN A 196 22.66 35.53 14.70
C GLN A 196 23.97 35.71 13.96
N GLN A 197 25.09 35.75 14.68
CA GLN A 197 26.36 35.93 13.97
C GLN A 197 26.68 34.71 13.12
N HIS A 198 26.35 33.51 13.61
CA HIS A 198 26.74 32.31 12.88
C HIS A 198 25.82 32.06 11.69
N TYR A 199 24.52 32.34 11.81
CA TYR A 199 23.56 32.08 10.74
C TYR A 199 22.87 33.38 10.33
N PRO A 200 23.59 34.26 9.65
CA PRO A 200 22.95 35.44 9.07
C PRO A 200 22.21 35.12 7.77
N GLU A 201 22.54 34.04 7.07
CA GLU A 201 21.84 33.66 5.84
C GLU A 201 20.50 32.98 6.11
N ALA A 202 20.03 32.91 7.35
CA ALA A 202 18.91 32.05 7.65
C ALA A 202 17.67 32.62 6.99
N GLN A 203 17.11 31.88 6.04
CA GLN A 203 15.85 32.29 5.44
C GLN A 203 14.66 31.83 6.24
N PHE A 204 14.75 30.69 6.93
CA PHE A 204 13.62 30.17 7.71
C PHE A 204 14.10 29.82 9.11
N VAL A 205 13.37 30.28 10.12
CA VAL A 205 13.67 30.01 11.51
C VAL A 205 12.45 29.33 12.12
N ILE A 206 12.68 28.26 12.86
CA ILE A 206 11.61 27.45 13.45
C ILE A 206 11.82 27.45 14.96
N PRO A 207 10.83 27.83 15.75
CA PRO A 207 10.95 27.68 17.19
C PRO A 207 10.41 26.34 17.68
N GLY A 208 10.78 26.02 18.91
CA GLY A 208 10.35 24.78 19.49
C GLY A 208 8.84 24.69 19.63
N HIS A 209 8.16 25.84 19.66
CA HIS A 209 6.73 25.86 19.87
C HIS A 209 6.10 27.00 19.08
N GLY A 210 5.08 26.69 18.30
CA GLY A 210 4.35 27.67 17.54
C GLY A 210 4.88 27.92 16.14
N LEU A 211 4.66 29.13 15.64
CA LEU A 211 4.70 29.42 14.22
C LEU A 211 6.11 29.71 13.74
N PRO A 212 6.50 29.17 12.59
CA PRO A 212 7.81 29.53 12.02
C PRO A 212 7.85 30.98 11.56
N GLY A 213 9.04 31.56 11.65
CA GLY A 213 9.24 32.96 11.38
C GLY A 213 10.50 33.19 10.58
N GLY A 214 11.05 34.40 10.62
CA GLY A 214 12.38 34.68 10.15
C GLY A 214 13.33 34.97 11.30
N LEU A 215 14.50 35.49 10.95
CA LEU A 215 15.46 35.88 11.97
C LEU A 215 14.92 36.91 12.97
N ASP A 216 13.80 37.55 12.69
CA ASP A 216 13.22 38.40 13.71
C ASP A 216 12.87 37.62 14.96
N LEU A 217 12.63 36.32 14.84
CA LEU A 217 12.29 35.56 16.03
C LEU A 217 13.43 35.60 17.04
N LEU A 218 14.66 35.74 16.57
CA LEU A 218 15.77 35.88 17.50
C LEU A 218 15.52 37.02 18.46
N LYS A 219 15.56 38.24 17.92
CA LYS A 219 15.30 39.41 18.74
C LYS A 219 13.99 39.28 19.50
N HIS A 220 12.94 38.78 18.86
CA HIS A 220 11.70 38.67 19.60
C HIS A 220 11.92 37.91 20.90
N THR A 221 12.68 36.81 20.85
CA THR A 221 12.94 36.09 22.08
C THR A 221 13.71 36.99 23.03
N THR A 222 14.96 37.31 22.67
CA THR A 222 15.80 38.19 23.48
C THR A 222 14.99 39.13 24.35
N ASN A 223 14.31 40.09 23.72
CA ASN A 223 13.35 40.89 24.46
C ASN A 223 12.63 40.02 25.48
N VAL A 224 11.77 39.08 25.02
CA VAL A 224 10.86 38.41 25.95
C VAL A 224 11.62 37.91 27.17
N VAL A 225 12.85 37.48 26.97
CA VAL A 225 13.66 37.03 28.09
C VAL A 225 13.94 38.20 29.03
N LYS A 226 14.40 39.32 28.46
CA LYS A 226 14.73 40.50 29.25
C LYS A 226 13.56 40.92 30.14
N ALA A 227 12.41 41.25 29.53
CA ALA A 227 11.21 41.56 30.28
C ALA A 227 11.04 40.66 31.49
N HIS A 228 11.50 39.41 31.38
CA HIS A 228 11.47 38.48 32.50
C HIS A 228 12.69 38.63 33.39
N THR A 229 13.80 39.17 32.87
CA THR A 229 14.94 39.49 33.71
C THR A 229 14.76 40.84 34.40
N ASN A 230 14.23 41.83 33.68
CA ASN A 230 13.93 43.13 34.28
C ASN A 230 12.73 42.99 35.20
N ARG A 231 11.52 43.14 34.67
CA ARG A 231 10.31 42.89 35.45
C ARG A 231 10.24 41.43 35.88
N GLU B 1 -29.42 -14.85 -31.52
CA GLU B 1 -28.80 -14.20 -30.36
C GLU B 1 -28.28 -15.22 -29.37
N TYR B 2 -27.61 -14.72 -28.40
CA TYR B 2 -26.84 -15.55 -27.50
C TYR B 2 -27.75 -16.07 -26.42
N PRO B 3 -27.72 -17.37 -26.12
CA PRO B 3 -28.69 -17.96 -25.18
C PRO B 3 -28.58 -17.36 -23.80
N THR B 4 -29.73 -17.10 -23.20
CA THR B 4 -29.81 -16.57 -21.84
C THR B 4 -30.38 -17.61 -20.88
N VAL B 5 -30.27 -17.34 -19.57
CA VAL B 5 -30.50 -18.37 -18.55
C VAL B 5 -31.91 -18.94 -18.68
N SER B 6 -32.91 -18.09 -18.80
CA SER B 6 -34.28 -18.58 -18.82
C SER B 6 -34.60 -19.38 -20.05
N GLU B 7 -33.74 -19.39 -21.07
CA GLU B 7 -33.97 -20.18 -22.27
C GLU B 7 -33.30 -21.54 -22.24
N ILE B 8 -32.71 -21.93 -21.12
CA ILE B 8 -31.99 -23.19 -21.09
C ILE B 8 -32.45 -23.96 -19.87
N PRO B 9 -33.34 -24.90 -20.02
CA PRO B 9 -33.70 -25.72 -18.88
C PRO B 9 -32.46 -26.41 -18.33
N VAL B 10 -32.45 -26.65 -17.03
CA VAL B 10 -31.30 -27.33 -16.45
C VAL B 10 -31.28 -28.75 -16.95
N GLY B 11 -30.15 -29.17 -17.48
CA GLY B 11 -30.03 -30.45 -18.13
C GLY B 11 -29.85 -30.34 -19.63
N GLU B 12 -30.05 -29.16 -20.20
CA GLU B 12 -29.90 -28.90 -21.62
C GLU B 12 -28.67 -28.04 -21.86
N VAL B 13 -28.23 -27.98 -23.11
CA VAL B 13 -26.97 -27.31 -23.43
C VAL B 13 -27.06 -26.70 -24.81
N ARG B 14 -26.65 -25.44 -24.92
CA ARG B 14 -26.63 -24.73 -26.18
C ARG B 14 -25.19 -24.60 -26.66
N LEU B 15 -25.01 -24.68 -27.97
CA LEU B 15 -23.74 -24.41 -28.63
C LEU B 15 -23.89 -23.17 -29.48
N TYR B 16 -22.92 -22.28 -29.40
CA TYR B 16 -22.99 -21.00 -30.10
C TYR B 16 -21.70 -20.80 -30.87
N GLN B 17 -21.83 -20.49 -32.14
CA GLN B 17 -20.68 -20.28 -32.98
C GLN B 17 -20.13 -18.88 -32.79
N ILE B 18 -18.84 -18.80 -32.54
CA ILE B 18 -18.13 -17.54 -32.40
C ILE B 18 -17.27 -17.22 -33.60
N ALA B 19 -16.86 -18.21 -34.36
CA ALA B 19 -15.88 -18.12 -35.44
C ALA B 19 -15.83 -19.47 -36.11
N ASP B 20 -15.17 -19.52 -37.25
CA ASP B 20 -14.92 -20.80 -37.87
C ASP B 20 -14.15 -21.67 -36.88
N GLY B 21 -14.68 -22.84 -36.59
CA GLY B 21 -14.03 -23.74 -35.65
C GLY B 21 -13.96 -23.33 -34.19
N VAL B 22 -14.73 -22.35 -33.73
CA VAL B 22 -14.70 -21.94 -32.31
C VAL B 22 -16.11 -21.74 -31.81
N TRP B 23 -16.44 -22.34 -30.67
CA TRP B 23 -17.78 -22.29 -30.12
C TRP B 23 -17.75 -22.00 -28.62
N SER B 24 -18.80 -21.37 -28.13
CA SER B 24 -19.09 -21.47 -26.70
C SER B 24 -20.19 -22.48 -26.47
N HIS B 25 -20.15 -23.13 -25.31
CA HIS B 25 -21.25 -23.96 -24.83
C HIS B 25 -21.84 -23.31 -23.59
N ILE B 26 -23.17 -23.33 -23.51
CA ILE B 26 -23.90 -22.64 -22.46
C ILE B 26 -24.82 -23.63 -21.77
N ALA B 27 -24.77 -23.63 -20.44
CA ALA B 27 -25.62 -24.47 -19.61
C ALA B 27 -26.16 -23.66 -18.43
N THR B 28 -27.04 -24.29 -17.67
CA THR B 28 -27.67 -23.66 -16.53
C THR B 28 -27.68 -24.65 -15.38
N GLN B 29 -27.64 -24.14 -14.16
CA GLN B 29 -27.49 -25.00 -12.99
C GLN B 29 -27.80 -24.18 -11.74
N SER B 30 -28.22 -24.85 -10.68
CA SER B 30 -28.56 -24.15 -9.44
C SER B 30 -27.38 -24.02 -8.50
N PHE B 31 -27.39 -22.91 -7.77
CA PHE B 31 -26.39 -22.64 -6.74
C PHE B 31 -27.00 -21.61 -5.80
N ASP B 32 -27.30 -22.01 -4.57
CA ASP B 32 -27.80 -21.10 -3.54
C ASP B 32 -29.22 -20.63 -3.84
N GLY B 33 -30.08 -21.55 -4.25
CA GLY B 33 -31.46 -21.23 -4.49
C GLY B 33 -31.78 -20.60 -5.83
N ALA B 34 -30.79 -20.19 -6.60
CA ALA B 34 -31.03 -19.59 -7.89
C ALA B 34 -30.35 -20.40 -8.96
N VAL B 35 -30.91 -20.36 -10.19
CA VAL B 35 -30.25 -20.92 -11.37
C VAL B 35 -29.45 -19.87 -12.09
N TYR B 36 -28.30 -20.29 -12.61
CA TYR B 36 -27.34 -19.42 -13.26
C TYR B 36 -26.94 -20.00 -14.60
N PRO B 37 -26.60 -19.16 -15.57
CA PRO B 37 -25.98 -19.67 -16.79
C PRO B 37 -24.49 -19.83 -16.60
N SER B 38 -23.89 -20.74 -17.35
CA SER B 38 -22.44 -20.90 -17.37
C SER B 38 -21.92 -21.08 -18.79
N ASN B 39 -20.78 -20.46 -19.09
CA ASN B 39 -20.09 -20.59 -20.37
C ASN B 39 -18.89 -21.52 -20.31
N GLY B 40 -18.67 -22.27 -21.40
CA GLY B 40 -17.40 -22.88 -21.70
C GLY B 40 -16.98 -22.70 -23.16
N LEU B 41 -15.88 -23.32 -23.57
CA LEU B 41 -15.39 -23.15 -24.94
C LEU B 41 -15.12 -24.49 -25.63
N ILE B 42 -15.30 -24.47 -26.94
CA ILE B 42 -14.95 -25.60 -27.79
C ILE B 42 -14.14 -25.06 -28.95
N VAL B 43 -13.04 -25.72 -29.28
CA VAL B 43 -12.09 -25.24 -30.28
C VAL B 43 -11.64 -26.41 -31.14
N ARG B 44 -11.81 -26.27 -32.44
CA ARG B 44 -11.40 -27.33 -33.36
C ARG B 44 -9.89 -27.47 -33.33
N ASP B 45 -9.42 -28.72 -33.24
CA ASP B 45 -8.02 -29.08 -33.11
C ASP B 45 -7.67 -30.06 -34.23
N GLY B 46 -7.72 -29.57 -35.46
CA GLY B 46 -7.53 -30.47 -36.58
C GLY B 46 -8.76 -31.31 -36.78
N ASP B 47 -8.62 -32.62 -36.60
CA ASP B 47 -9.76 -33.52 -36.70
C ASP B 47 -10.40 -33.78 -35.36
N GLU B 48 -9.90 -33.19 -34.30
CA GLU B 48 -10.42 -33.40 -32.97
C GLU B 48 -11.03 -32.09 -32.48
N LEU B 49 -11.60 -32.14 -31.29
CA LEU B 49 -12.07 -30.98 -30.56
C LEU B 49 -11.43 -30.86 -29.17
N LEU B 50 -11.04 -29.66 -28.82
CA LEU B 50 -10.56 -29.33 -27.50
C LEU B 50 -11.68 -28.64 -26.73
N LEU B 51 -11.90 -29.11 -25.50
CA LEU B 51 -12.97 -28.59 -24.65
C LEU B 51 -12.39 -27.82 -23.49
N ILE B 52 -12.83 -26.58 -23.31
CA ILE B 52 -12.44 -25.78 -22.15
C ILE B 52 -13.61 -25.78 -21.18
N ASP B 53 -13.45 -26.52 -20.08
CA ASP B 53 -14.40 -26.57 -18.96
C ASP B 53 -15.61 -27.48 -19.18
N THR B 54 -16.14 -28.01 -18.11
CA THR B 54 -17.33 -28.83 -18.17
C THR B 54 -18.56 -27.95 -18.34
N ALA B 55 -19.70 -28.60 -18.51
CA ALA B 55 -20.96 -27.92 -18.59
C ALA B 55 -21.62 -27.76 -17.22
N TRP B 56 -20.81 -27.66 -16.17
CA TRP B 56 -21.26 -27.54 -14.78
C TRP B 56 -22.18 -28.66 -14.35
N GLY B 57 -21.61 -29.82 -14.08
CA GLY B 57 -22.37 -30.95 -13.60
C GLY B 57 -22.36 -32.10 -14.58
N ALA B 58 -22.42 -33.31 -14.05
CA ALA B 58 -22.36 -34.53 -14.85
C ALA B 58 -23.49 -34.65 -15.87
N LYS B 59 -24.71 -34.35 -15.48
CA LYS B 59 -25.80 -34.43 -16.45
C LYS B 59 -25.68 -33.38 -17.56
N ASN B 60 -25.38 -32.13 -17.19
CA ASN B 60 -25.15 -31.11 -18.21
C ASN B 60 -24.02 -31.51 -19.14
N THR B 61 -22.98 -32.17 -18.58
CA THR B 61 -21.81 -32.51 -19.37
C THR B 61 -22.10 -33.66 -20.33
N ALA B 62 -22.84 -34.66 -19.87
CA ALA B 62 -23.37 -35.64 -20.81
C ALA B 62 -24.16 -34.96 -21.94
N ALA B 63 -25.02 -34.01 -21.60
CA ALA B 63 -25.81 -33.36 -22.62
C ALA B 63 -24.92 -32.59 -23.57
N LEU B 64 -23.84 -32.02 -23.04
CA LEU B 64 -22.87 -31.30 -23.86
C LEU B 64 -22.20 -32.22 -24.86
N LEU B 65 -21.72 -33.37 -24.41
CA LEU B 65 -21.12 -34.30 -25.35
C LEU B 65 -22.13 -34.71 -26.40
N ALA B 66 -23.39 -34.86 -26.00
CA ALA B 66 -24.44 -35.27 -26.93
C ALA B 66 -24.69 -34.22 -27.98
N GLU B 67 -24.69 -32.95 -27.58
CA GLU B 67 -24.94 -31.84 -28.51
C GLU B 67 -23.78 -31.67 -29.46
N ILE B 68 -22.56 -31.81 -28.97
CA ILE B 68 -21.40 -31.68 -29.84
C ILE B 68 -21.45 -32.73 -30.93
N GLU B 69 -21.87 -33.95 -30.58
CA GLU B 69 -21.95 -35.05 -31.53
C GLU B 69 -23.02 -34.77 -32.56
N LYS B 70 -24.06 -34.07 -32.17
CA LYS B 70 -25.17 -33.80 -33.06
C LYS B 70 -24.81 -32.71 -34.08
N GLN B 71 -24.19 -31.62 -33.63
CA GLN B 71 -23.96 -30.43 -34.42
C GLN B 71 -22.56 -30.28 -34.99
N ILE B 72 -21.56 -30.90 -34.38
CA ILE B 72 -20.20 -30.80 -34.88
C ILE B 72 -19.69 -32.13 -35.37
N GLY B 73 -20.02 -33.22 -34.68
CA GLY B 73 -19.71 -34.54 -35.17
C GLY B 73 -18.26 -34.95 -35.10
N LEU B 74 -17.38 -34.12 -34.58
CA LEU B 74 -16.02 -34.51 -34.30
C LEU B 74 -15.87 -34.87 -32.83
N PRO B 75 -14.86 -35.65 -32.48
CA PRO B 75 -14.73 -36.09 -31.09
C PRO B 75 -13.97 -35.13 -30.22
N VAL B 76 -14.46 -34.97 -29.01
CA VAL B 76 -13.72 -34.29 -27.96
C VAL B 76 -12.66 -35.23 -27.44
N THR B 77 -11.39 -34.84 -27.59
CA THR B 77 -10.30 -35.69 -27.15
C THR B 77 -9.60 -35.14 -25.94
N ARG B 78 -9.61 -33.84 -25.75
CA ARG B 78 -8.97 -33.25 -24.59
C ARG B 78 -9.88 -32.18 -23.99
N ALA B 79 -9.79 -32.03 -22.68
CA ALA B 79 -10.52 -31.01 -21.94
C ALA B 79 -9.56 -30.33 -20.98
N VAL B 80 -9.69 -29.01 -20.82
CA VAL B 80 -9.00 -28.23 -19.79
C VAL B 80 -10.05 -27.62 -18.89
N SER B 81 -9.84 -27.71 -17.56
CA SER B 81 -10.65 -27.02 -16.55
C SER B 81 -9.88 -25.80 -16.03
N THR B 82 -10.52 -24.63 -16.06
CA THR B 82 -9.81 -23.38 -15.78
C THR B 82 -9.85 -22.95 -14.31
N HIS B 83 -10.63 -23.58 -13.45
CA HIS B 83 -10.33 -23.62 -12.02
C HIS B 83 -11.08 -24.81 -11.42
N PHE B 84 -11.11 -24.91 -10.09
CA PHE B 84 -11.51 -26.13 -9.41
C PHE B 84 -12.99 -26.18 -8.99
N HIS B 85 -13.76 -25.14 -9.18
CA HIS B 85 -15.17 -25.17 -8.85
C HIS B 85 -15.94 -26.11 -9.79
N ASP B 86 -17.16 -26.43 -9.37
CA ASP B 86 -17.99 -27.44 -10.02
C ASP B 86 -18.50 -27.02 -11.37
N ASP B 87 -18.48 -25.72 -11.69
CA ASP B 87 -18.84 -25.33 -13.05
C ASP B 87 -17.69 -25.56 -14.01
N ARG B 88 -16.51 -25.92 -13.51
CA ARG B 88 -15.34 -26.19 -14.33
C ARG B 88 -14.90 -27.65 -14.31
N VAL B 89 -15.08 -28.38 -13.22
CA VAL B 89 -14.73 -29.80 -13.18
C VAL B 89 -15.92 -30.70 -12.98
N GLY B 90 -17.11 -30.17 -12.72
CA GLY B 90 -18.27 -31.03 -12.57
C GLY B 90 -18.59 -31.67 -13.90
N GLY B 91 -18.47 -32.99 -13.98
CA GLY B 91 -18.64 -33.69 -15.24
C GLY B 91 -17.37 -34.20 -15.86
N VAL B 92 -16.22 -33.90 -15.28
CA VAL B 92 -14.97 -34.54 -15.65
C VAL B 92 -15.07 -36.07 -15.64
N ASP B 93 -15.66 -36.63 -14.58
CA ASP B 93 -15.78 -38.09 -14.57
C ASP B 93 -16.59 -38.57 -15.76
N VAL B 94 -17.56 -37.79 -16.23
CA VAL B 94 -18.27 -38.20 -17.45
C VAL B 94 -17.38 -38.02 -18.67
N LEU B 95 -16.67 -36.92 -18.76
CA LEU B 95 -15.71 -36.78 -19.82
C LEU B 95 -14.78 -37.97 -19.87
N ARG B 96 -14.19 -38.31 -18.72
CA ARG B 96 -13.25 -39.42 -18.68
C ARG B 96 -13.88 -40.68 -19.24
N ALA B 97 -15.09 -41.01 -18.81
CA ALA B 97 -15.72 -42.27 -19.20
C ALA B 97 -16.21 -42.25 -20.64
N ALA B 98 -16.35 -41.06 -21.23
CA ALA B 98 -16.63 -41.03 -22.66
C ALA B 98 -15.39 -41.15 -23.53
N GLY B 99 -14.19 -41.01 -22.94
CA GLY B 99 -12.97 -41.19 -23.69
C GLY B 99 -12.12 -39.94 -23.75
N VAL B 100 -12.43 -38.94 -22.94
CA VAL B 100 -11.75 -37.66 -23.00
C VAL B 100 -10.62 -37.63 -21.98
N ALA B 101 -9.47 -37.13 -22.41
CA ALA B 101 -8.36 -36.86 -21.51
C ALA B 101 -8.49 -35.47 -20.93
N THR B 102 -8.58 -35.39 -19.61
CA THR B 102 -8.91 -34.17 -18.90
C THR B 102 -7.67 -33.59 -18.27
N TYR B 103 -7.62 -32.25 -18.22
CA TYR B 103 -6.41 -31.52 -17.89
C TYR B 103 -6.72 -30.30 -17.03
N ALA B 104 -5.80 -29.98 -16.13
CA ALA B 104 -5.85 -28.81 -15.27
C ALA B 104 -4.47 -28.60 -14.63
N SER B 105 -4.20 -27.35 -14.29
CA SER B 105 -2.96 -27.06 -13.61
C SER B 105 -2.88 -27.87 -12.33
N PRO B 106 -1.68 -28.26 -11.91
CA PRO B 106 -1.57 -29.03 -10.67
C PRO B 106 -2.15 -28.31 -9.47
N SER B 107 -2.10 -26.98 -9.43
CA SER B 107 -2.84 -26.26 -8.40
C SER B 107 -4.33 -26.55 -8.45
N THR B 108 -4.91 -26.59 -9.65
CA THR B 108 -6.35 -26.82 -9.76
C THR B 108 -6.72 -28.23 -9.29
N ARG B 109 -6.00 -29.23 -9.74
CA ARG B 109 -6.32 -30.59 -9.35
C ARG B 109 -6.23 -30.74 -7.85
N ARG B 110 -5.21 -30.10 -7.29
CA ARG B 110 -4.97 -30.07 -5.85
C ARG B 110 -6.20 -29.58 -5.12
N LEU B 111 -6.69 -28.41 -5.49
CA LEU B 111 -7.83 -27.81 -4.81
C LEU B 111 -9.12 -28.57 -5.07
N ALA B 112 -9.24 -29.25 -6.22
CA ALA B 112 -10.42 -30.03 -6.49
C ALA B 112 -10.53 -31.20 -5.55
N GLU B 113 -9.43 -31.93 -5.41
CA GLU B 113 -9.37 -33.03 -4.47
C GLU B 113 -9.72 -32.59 -3.06
N VAL B 114 -9.36 -31.34 -2.72
CA VAL B 114 -9.57 -30.82 -1.39
C VAL B 114 -11.03 -30.50 -1.16
N GLU B 115 -11.69 -29.95 -2.18
CA GLU B 115 -13.06 -29.52 -2.08
C GLU B 115 -14.07 -30.63 -2.32
N GLY B 116 -13.62 -31.87 -2.45
CA GLY B 116 -14.49 -32.97 -2.82
C GLY B 116 -14.94 -33.03 -4.27
N ASN B 117 -14.53 -32.10 -5.12
CA ASN B 117 -14.97 -32.11 -6.50
C ASN B 117 -14.24 -33.13 -7.36
N GLU B 118 -14.67 -33.24 -8.61
CA GLU B 118 -14.07 -34.18 -9.55
C GLU B 118 -12.71 -33.67 -9.99
N ILE B 119 -11.78 -34.59 -10.23
CA ILE B 119 -10.35 -34.32 -10.37
C ILE B 119 -9.92 -34.66 -11.79
N PRO B 120 -9.41 -33.71 -12.57
CA PRO B 120 -8.87 -34.07 -13.87
C PRO B 120 -7.65 -34.96 -13.74
N THR B 121 -7.29 -35.60 -14.85
CA THR B 121 -6.36 -36.72 -14.83
C THR B 121 -4.92 -36.33 -15.01
N HIS B 122 -4.64 -35.20 -15.67
CA HIS B 122 -3.31 -34.85 -16.13
C HIS B 122 -3.01 -33.42 -15.76
N SER B 123 -1.74 -33.15 -15.51
CA SER B 123 -1.33 -31.86 -14.97
C SER B 123 -0.77 -30.99 -16.07
N LEU B 124 -1.20 -29.75 -16.11
CA LEU B 124 -0.61 -28.80 -17.03
C LEU B 124 0.61 -28.25 -16.33
N GLU B 125 1.78 -28.63 -16.81
CA GLU B 125 2.99 -28.00 -16.32
C GLU B 125 3.21 -26.71 -17.08
N GLY B 126 3.83 -25.75 -16.40
CA GLY B 126 4.27 -24.53 -17.03
C GLY B 126 3.46 -23.29 -16.72
N LEU B 127 2.65 -23.32 -15.68
CA LEU B 127 1.71 -22.25 -15.41
C LEU B 127 1.70 -21.87 -13.93
N SER B 128 2.76 -22.18 -13.20
CA SER B 128 2.78 -22.02 -11.76
C SER B 128 3.10 -20.60 -11.31
N SER B 129 3.27 -19.68 -12.22
CA SER B 129 3.69 -18.35 -11.85
C SER B 129 2.93 -17.35 -12.71
N SER B 130 2.45 -16.29 -12.08
CA SER B 130 1.65 -15.32 -12.81
C SER B 130 2.38 -14.92 -14.08
N GLY B 131 1.63 -14.78 -15.16
CA GLY B 131 2.19 -14.38 -16.44
C GLY B 131 2.65 -15.52 -17.31
N ASP B 132 2.85 -16.72 -16.74
CA ASP B 132 3.17 -17.91 -17.52
C ASP B 132 2.13 -18.11 -18.62
N ALA B 133 2.62 -18.46 -19.83
CA ALA B 133 1.77 -18.85 -20.94
C ALA B 133 2.34 -20.09 -21.58
N VAL B 134 1.47 -21.07 -21.83
CA VAL B 134 1.86 -22.29 -22.52
C VAL B 134 0.89 -22.48 -23.67
N ARG B 135 1.32 -23.23 -24.67
CA ARG B 135 0.50 -23.54 -25.83
C ARG B 135 -0.16 -24.89 -25.57
N PHE B 136 -1.40 -25.06 -26.03
CA PHE B 136 -2.11 -26.32 -25.84
C PHE B 136 -2.98 -26.55 -27.08
N GLY B 137 -2.43 -27.26 -28.05
CA GLY B 137 -3.10 -27.39 -29.33
C GLY B 137 -3.41 -26.03 -29.92
N PRO B 138 -4.66 -25.78 -30.29
CA PRO B 138 -4.95 -24.55 -31.00
C PRO B 138 -5.23 -23.36 -30.11
N VAL B 139 -4.77 -23.36 -28.85
CA VAL B 139 -5.02 -22.23 -27.95
C VAL B 139 -3.77 -21.91 -27.14
N GLU B 140 -3.84 -20.79 -26.44
CA GLU B 140 -2.89 -20.48 -25.38
C GLU B 140 -3.59 -20.47 -24.03
N LEU B 141 -2.91 -21.02 -23.03
CA LEU B 141 -3.30 -20.93 -21.64
C LEU B 141 -2.42 -19.90 -20.95
N PHE B 142 -3.04 -19.09 -20.10
CA PHE B 142 -2.40 -17.99 -19.40
C PHE B 142 -2.80 -18.05 -17.94
N TYR B 143 -1.86 -17.80 -17.06
CA TYR B 143 -2.22 -17.68 -15.64
C TYR B 143 -2.01 -16.25 -15.19
N PRO B 144 -3.05 -15.44 -15.01
CA PRO B 144 -2.84 -14.02 -14.73
C PRO B 144 -2.62 -13.71 -13.26
N GLY B 145 -2.50 -14.72 -12.42
CA GLY B 145 -2.54 -14.49 -10.99
C GLY B 145 -3.96 -14.61 -10.47
N ALA B 146 -4.05 -14.65 -9.13
CA ALA B 146 -5.32 -14.88 -8.46
C ALA B 146 -6.33 -13.79 -8.82
N ALA B 147 -7.59 -14.21 -8.92
CA ALA B 147 -8.72 -13.33 -9.14
C ALA B 147 -9.95 -13.99 -8.52
N HIS B 148 -10.79 -14.65 -9.36
CA HIS B 148 -11.94 -15.39 -8.85
C HIS B 148 -11.48 -16.50 -7.92
N SER B 149 -10.44 -17.19 -8.28
CA SER B 149 -9.82 -18.18 -7.41
C SER B 149 -8.31 -17.99 -7.49
N THR B 150 -7.58 -18.77 -6.71
CA THR B 150 -6.14 -18.63 -6.83
C THR B 150 -5.65 -19.28 -8.11
N ASP B 151 -6.29 -20.35 -8.55
CA ASP B 151 -5.73 -21.30 -9.48
C ASP B 151 -6.18 -21.05 -10.90
N ASN B 152 -6.86 -19.95 -11.15
CA ASN B 152 -7.68 -19.82 -12.34
C ASN B 152 -6.89 -19.42 -13.57
N LEU B 153 -7.27 -20.00 -14.72
CA LEU B 153 -6.60 -19.79 -15.99
C LEU B 153 -7.54 -19.14 -17.00
N VAL B 154 -7.00 -18.43 -17.96
CA VAL B 154 -7.77 -17.91 -19.08
C VAL B 154 -7.21 -18.54 -20.34
N VAL B 155 -7.90 -18.33 -21.44
CA VAL B 155 -7.66 -19.11 -22.65
C VAL B 155 -7.85 -18.20 -23.85
N TYR B 156 -6.88 -18.20 -24.75
CA TYR B 156 -6.93 -17.38 -25.93
C TYR B 156 -6.92 -18.29 -27.15
N VAL B 157 -7.81 -18.06 -28.10
CA VAL B 157 -7.78 -18.76 -29.38
C VAL B 157 -7.11 -17.86 -30.40
N PRO B 158 -5.81 -17.97 -30.61
CA PRO B 158 -5.14 -17.08 -31.56
C PRO B 158 -5.87 -16.97 -32.89
N SER B 159 -6.14 -18.11 -33.51
CA SER B 159 -6.80 -18.15 -34.83
C SER B 159 -7.89 -17.11 -34.95
N ALA B 160 -8.68 -16.93 -33.90
CA ALA B 160 -9.91 -16.16 -33.95
C ALA B 160 -9.87 -14.92 -33.08
N SER B 161 -8.80 -14.73 -32.31
CA SER B 161 -8.69 -13.59 -31.40
C SER B 161 -9.81 -13.65 -30.38
N VAL B 162 -10.06 -14.85 -29.87
CA VAL B 162 -11.04 -15.09 -28.83
C VAL B 162 -10.28 -15.22 -27.54
N LEU B 163 -10.73 -14.48 -26.53
CA LEU B 163 -10.21 -14.61 -25.18
C LEU B 163 -11.33 -15.15 -24.31
N TYR B 164 -11.05 -16.24 -23.60
CA TYR B 164 -12.00 -16.86 -22.71
C TYR B 164 -11.52 -16.57 -21.30
N GLY B 165 -12.25 -15.72 -20.59
CA GLY B 165 -11.79 -15.24 -19.33
C GLY B 165 -12.24 -16.13 -18.22
N GLY B 166 -13.23 -16.96 -18.50
CA GLY B 166 -13.78 -17.72 -17.40
C GLY B 166 -14.27 -16.79 -16.32
N CYS B 167 -14.31 -17.32 -15.11
CA CYS B 167 -14.92 -16.64 -13.98
C CYS B 167 -14.09 -15.51 -13.41
N ALA B 168 -12.90 -15.24 -13.96
CA ALA B 168 -12.20 -14.00 -13.63
C ALA B 168 -12.75 -12.80 -14.38
N ILE B 169 -13.58 -13.01 -15.40
CA ILE B 169 -14.18 -11.94 -16.18
C ILE B 169 -15.68 -12.00 -16.00
N TYR B 170 -16.28 -10.82 -15.82
CA TYR B 170 -17.71 -10.65 -15.64
C TYR B 170 -18.32 -10.09 -16.91
N GLU B 171 -19.61 -10.36 -17.13
CA GLU B 171 -20.33 -9.73 -18.21
C GLU B 171 -20.73 -8.30 -17.81
N LEU B 172 -20.88 -7.43 -18.81
CA LEU B 172 -21.21 -6.04 -18.49
C LEU B 172 -22.37 -5.95 -17.53
N SER B 173 -23.43 -6.73 -17.77
CA SER B 173 -24.64 -6.61 -16.99
C SER B 173 -24.41 -6.85 -15.50
N ARG B 174 -23.35 -7.56 -15.13
CA ARG B 174 -23.16 -7.96 -13.74
C ARG B 174 -22.47 -6.82 -13.01
N THR B 175 -23.20 -6.15 -12.13
CA THR B 175 -22.65 -5.06 -11.36
C THR B 175 -22.36 -5.42 -9.91
N SER B 176 -22.67 -6.63 -9.50
CA SER B 176 -22.28 -7.10 -8.18
C SER B 176 -21.38 -8.32 -8.33
N ALA B 177 -20.34 -8.34 -7.51
CA ALA B 177 -19.52 -9.52 -7.38
C ALA B 177 -20.42 -10.74 -7.40
N GLY B 178 -21.06 -11.06 -6.29
CA GLY B 178 -21.67 -12.35 -6.18
C GLY B 178 -20.68 -13.25 -5.50
N ASN B 179 -20.45 -14.46 -5.99
CA ASN B 179 -19.73 -15.41 -5.16
C ASN B 179 -18.24 -15.16 -5.28
N VAL B 180 -17.59 -14.94 -4.14
CA VAL B 180 -16.16 -14.66 -4.13
C VAL B 180 -15.57 -15.32 -2.90
N ALA B 181 -16.20 -16.39 -2.45
CA ALA B 181 -15.75 -17.04 -1.24
C ALA B 181 -14.29 -17.44 -1.32
N ASP B 182 -13.80 -17.71 -2.54
CA ASP B 182 -12.46 -18.25 -2.71
C ASP B 182 -11.52 -17.27 -3.42
N ALA B 183 -11.93 -16.03 -3.53
CA ALA B 183 -11.22 -15.05 -4.32
C ALA B 183 -10.06 -14.45 -3.53
N ASP B 184 -9.34 -13.56 -4.21
CA ASP B 184 -8.25 -12.75 -3.67
C ASP B 184 -8.50 -11.39 -4.31
N LEU B 185 -9.33 -10.59 -3.64
CA LEU B 185 -9.87 -9.38 -4.23
C LEU B 185 -8.80 -8.33 -4.47
N ALA B 186 -7.69 -8.40 -3.73
CA ALA B 186 -6.61 -7.44 -3.88
C ALA B 186 -5.85 -7.66 -5.19
N GLU B 187 -5.48 -8.92 -5.47
CA GLU B 187 -4.76 -9.21 -6.71
C GLU B 187 -5.66 -9.07 -7.93
N TRP B 188 -6.91 -9.46 -7.81
CA TRP B 188 -7.78 -9.57 -8.98
C TRP B 188 -7.63 -8.42 -9.97
N PRO B 189 -7.74 -7.16 -9.59
CA PRO B 189 -7.63 -6.08 -10.60
C PRO B 189 -6.26 -6.02 -11.30
N THR B 190 -5.21 -6.53 -10.67
CA THR B 190 -3.89 -6.66 -11.28
C THR B 190 -3.92 -7.77 -12.30
N SER B 191 -4.10 -9.00 -11.83
CA SER B 191 -4.32 -10.14 -12.71
C SER B 191 -5.07 -9.69 -13.95
N ILE B 192 -6.15 -8.92 -13.78
CA ILE B 192 -6.87 -8.43 -14.95
C ILE B 192 -5.98 -7.57 -15.80
N GLU B 193 -5.01 -6.90 -15.19
CA GLU B 193 -4.07 -6.10 -15.98
C GLU B 193 -3.14 -7.00 -16.78
N ARG B 194 -2.55 -7.99 -16.12
CA ARG B 194 -1.76 -8.99 -16.82
C ARG B 194 -2.46 -9.52 -18.07
N ILE B 195 -3.75 -9.81 -17.98
CA ILE B 195 -4.49 -10.26 -19.16
C ILE B 195 -4.50 -9.17 -20.22
N GLN B 196 -4.67 -7.91 -19.80
CA GLN B 196 -4.70 -6.80 -20.74
C GLN B 196 -3.37 -6.61 -21.44
N GLN B 197 -2.27 -6.75 -20.70
CA GLN B 197 -0.95 -6.59 -21.28
C GLN B 197 -0.67 -7.67 -22.31
N HIS B 198 -1.21 -8.86 -22.09
CA HIS B 198 -0.83 -10.03 -22.88
C HIS B 198 -1.74 -10.29 -24.07
N TYR B 199 -3.01 -9.85 -24.03
CA TYR B 199 -3.92 -10.04 -25.16
C TYR B 199 -4.56 -8.71 -25.54
N PRO B 200 -3.74 -7.67 -25.74
CA PRO B 200 -4.29 -6.38 -26.16
C PRO B 200 -5.02 -6.42 -27.47
N GLU B 201 -4.92 -7.50 -28.25
CA GLU B 201 -5.54 -7.56 -29.56
C GLU B 201 -6.76 -8.47 -29.58
N ALA B 202 -7.14 -9.02 -28.43
CA ALA B 202 -8.28 -9.90 -28.38
C ALA B 202 -9.51 -9.22 -28.96
N GLN B 203 -10.22 -9.94 -29.83
CA GLN B 203 -11.36 -9.40 -30.54
C GLN B 203 -12.72 -9.84 -29.98
N PHE B 204 -12.78 -10.89 -29.16
CA PHE B 204 -14.00 -11.31 -28.48
C PHE B 204 -13.61 -11.84 -27.11
N VAL B 205 -14.30 -11.40 -26.05
CA VAL B 205 -14.01 -11.82 -24.69
C VAL B 205 -15.23 -12.54 -24.14
N ILE B 206 -15.02 -13.73 -23.61
CA ILE B 206 -16.09 -14.56 -23.06
C ILE B 206 -15.93 -14.60 -21.56
N PRO B 207 -16.96 -14.27 -20.80
CA PRO B 207 -16.88 -14.39 -19.35
C PRO B 207 -17.33 -15.77 -18.91
N GLY B 208 -17.02 -16.07 -17.65
CA GLY B 208 -17.51 -17.30 -17.07
C GLY B 208 -19.01 -17.44 -17.19
N HIS B 209 -19.73 -16.34 -17.09
CA HIS B 209 -21.18 -16.42 -17.00
C HIS B 209 -21.73 -15.18 -17.68
N GLY B 210 -22.53 -15.38 -18.70
CA GLY B 210 -23.25 -14.31 -19.33
C GLY B 210 -22.78 -13.99 -20.73
N LEU B 211 -23.22 -12.84 -21.21
CA LEU B 211 -23.06 -12.49 -22.62
C LEU B 211 -21.61 -12.17 -22.92
N PRO B 212 -21.09 -12.62 -24.04
CA PRO B 212 -19.70 -12.23 -24.38
C PRO B 212 -19.60 -10.77 -24.77
N GLY B 213 -18.40 -10.24 -24.61
CA GLY B 213 -18.14 -8.83 -24.82
C GLY B 213 -16.83 -8.50 -25.51
N GLY B 214 -16.40 -7.25 -25.42
CA GLY B 214 -15.12 -6.85 -25.90
C GLY B 214 -14.14 -6.78 -24.77
N LEU B 215 -13.03 -6.09 -25.02
CA LEU B 215 -12.04 -5.95 -23.96
C LEU B 215 -12.55 -5.06 -22.84
N ASP B 216 -13.63 -4.32 -23.08
CA ASP B 216 -14.33 -3.63 -22.01
C ASP B 216 -14.53 -4.47 -20.75
N LEU B 217 -14.99 -5.70 -20.91
CA LEU B 217 -15.32 -6.54 -19.75
C LEU B 217 -14.23 -6.48 -18.69
N LEU B 218 -12.98 -6.41 -19.12
CA LEU B 218 -11.88 -6.38 -18.18
C LEU B 218 -11.97 -5.16 -17.28
N LYS B 219 -12.03 -3.98 -17.89
CA LYS B 219 -12.22 -2.75 -17.11
C LYS B 219 -13.45 -2.89 -16.22
N HIS B 220 -14.58 -3.21 -16.83
CA HIS B 220 -15.83 -3.37 -16.08
C HIS B 220 -15.66 -4.29 -14.88
N THR B 221 -14.94 -5.39 -15.04
CA THR B 221 -14.81 -6.36 -13.97
C THR B 221 -13.95 -5.82 -12.84
N THR B 222 -12.81 -5.21 -13.20
CA THR B 222 -11.94 -4.58 -12.20
C THR B 222 -12.72 -3.54 -11.40
N ASN B 223 -13.60 -2.82 -12.06
CA ASN B 223 -14.52 -1.96 -11.34
C ASN B 223 -15.29 -2.78 -10.30
N VAL B 224 -16.10 -3.74 -10.76
CA VAL B 224 -17.00 -4.50 -9.86
C VAL B 224 -16.24 -5.09 -8.69
N VAL B 225 -14.98 -5.47 -8.89
CA VAL B 225 -14.19 -6.02 -7.81
C VAL B 225 -13.81 -4.94 -6.81
N LYS B 226 -13.22 -3.86 -7.31
CA LYS B 226 -12.99 -2.70 -6.47
C LYS B 226 -14.28 -2.23 -5.81
N ALA B 227 -15.36 -2.12 -6.60
CA ALA B 227 -16.63 -1.62 -6.08
C ALA B 227 -17.11 -2.42 -4.88
N HIS B 228 -16.81 -3.71 -4.82
CA HIS B 228 -17.24 -4.58 -3.74
C HIS B 228 -16.19 -4.70 -2.63
N THR B 229 -15.18 -3.85 -2.63
CA THR B 229 -14.00 -4.20 -1.84
C THR B 229 -13.79 -3.70 -0.37
N ASN B 230 -13.95 -2.46 0.11
CA ASN B 230 -14.49 -1.18 -0.42
C ASN B 230 -15.87 -0.69 0.14
N ARG B 231 -16.66 -1.47 0.90
CA ARG B 231 -16.42 -2.86 1.32
C ARG B 231 -17.75 -3.59 1.50
ZN ZN C . 12.71 22.41 27.17
ZN ZN D . 9.82 22.90 25.06
C10 5ZD E . 5.14 26.23 25.72
C12 5ZD E . 4.45 27.88 23.93
N01 5ZD E . 7.22 20.73 26.72
C02 5ZD E . 7.07 22.16 26.75
N03 5ZD E . 8.01 23.06 26.46
C04 5ZD E . 7.64 24.37 26.56
C05 5ZD E . 8.69 25.44 26.23
O06 5ZD E . 8.58 26.65 26.52
O07 5ZD E . 9.73 25.07 25.65
C08 5ZD E . 6.27 24.56 26.96
C09 5ZD E . 5.50 25.87 27.15
C11 5ZD E . 4.29 27.46 25.41
C13 5ZD E . 3.18 27.82 23.09
C14 5ZD E . 3.49 28.18 21.63
S15 5ZD E . 5.66 22.98 27.16
ZN ZN F . -15.55 -20.50 -9.64
ZN ZN G . -18.20 -19.61 -12.05
C10 5ZD H . -23.43 -16.36 -10.54
C12 5ZD H . -23.88 -15.30 -12.86
N01 5ZD H . -21.13 -21.80 -10.79
C02 5ZD H . -21.17 -20.40 -10.50
N03 5ZD H . -20.13 -19.58 -10.60
C04 5ZD H . -20.40 -18.28 -10.31
C05 5ZD H . -19.34 -17.19 -10.34
O06 5ZD H . -19.42 -16.30 -9.48
O07 5ZD H . -18.41 -17.18 -11.19
C08 5ZD H . -21.73 -18.03 -9.94
C09 5ZD H . -22.34 -16.69 -9.56
C11 5ZD H . -23.32 -15.11 -11.43
C13 5ZD H . -24.98 -14.35 -13.39
C14 5ZD H . -24.76 -14.09 -14.86
S15 5ZD H . -22.53 -19.52 -10.02
#